data_4G3S
#
_entry.id   4G3S
#
_cell.length_a   76.580
_cell.length_b   76.580
_cell.length_c   276.970
_cell.angle_alpha   90.00
_cell.angle_beta   90.00
_cell.angle_gamma   120.00
#
_symmetry.space_group_name_H-M   'H 3'
#
loop_
_entity.id
_entity.type
_entity.pdbx_description
1 polymer 'Bifunctional protein GlmU'
2 non-polymer URIDINE-DIPHOSPHATE-N-ACETYLGLUCOSAMINE
3 non-polymer 2-acetamido-2-deoxy-1-O-phosphono-alpha-D-glucopyranose
4 non-polymer 'PYROPHOSPHATE 2-'
5 non-polymer 'MAGNESIUM ION'
6 non-polymer 'COBALT (II) ION'
7 water water
#
_entity_poly.entity_id   1
_entity_poly.type   'polypeptide(L)'
_entity_poly.pdbx_seq_one_letter_code
;HHHHHHMTFPGDTAVLVLAAGPGTRMRSDTPKVLHTLAGRSMLSHVLHAIAKLAPQRLIVVLGHDHQRIAPLVGELADTL
GRTIDVALQDRPLGTGHAVLCGLSALPDDYAGNVVVTSGDTPLLDADTLADLIATHRAVSAAVTVLTTTLDDPFGYGRIL
RTQDHEVMAIVEQTDATPSQREIREVNAGVYAFDIAALRSALSRLSSNNAQQELYLTDVIAILRSDGQTVHASHVDDSAL
VAGVNNRVQLAELASELNRRVVAAHQLAGVTVVDPATTWIDVDVTIGRDTVIHPGTQLLGRTQIGGRCVVGPDTTLTDVA
VGDGASVVRTHGSSSSIGDGAAVGPFTYLRPGTALGADGKLGAFVEVKNSTIGTGTKVPHLTYVGDADIGEYSNIGASSV
FVNYDGTSKRRTTVGSHVRTGSDTMFVAPVTIGDGAYTGAGTVVREDVPPGALAVSAGPQRNIENWVQRKRPGSPAAQAS
KRASEMACQQPTQPPDADQTP
;
_entity_poly.pdbx_strand_id   A
#
loop_
_chem_comp.id
_chem_comp.type
_chem_comp.name
_chem_comp.formula
CO non-polymer 'COBALT (II) ION' 'Co 2'
GN1 D-saccharide 2-acetamido-2-deoxy-1-O-phosphono-alpha-D-glucopyranose 'C8 H16 N O9 P'
MG non-polymer 'MAGNESIUM ION' 'Mg 2'
POP non-polymer 'PYROPHOSPHATE 2-' 'H2 O7 P2 -2'
UD1 non-polymer URIDINE-DIPHOSPHATE-N-ACETYLGLUCOSAMINE 'C17 H27 N3 O17 P2'
#
# COMPACT_ATOMS: atom_id res chain seq x y z
N ASP A 12 -17.87 4.00 -27.77
CA ASP A 12 -18.29 2.76 -27.02
C ASP A 12 -17.20 1.70 -26.84
N THR A 13 -16.89 1.36 -25.57
CA THR A 13 -15.83 0.39 -25.32
C THR A 13 -16.06 -0.60 -24.16
N ALA A 14 -15.67 -1.87 -24.37
CA ALA A 14 -15.64 -2.86 -23.29
C ALA A 14 -14.14 -3.10 -22.95
N VAL A 15 -13.80 -3.12 -21.66
CA VAL A 15 -12.38 -3.42 -21.28
C VAL A 15 -12.38 -4.76 -20.59
N LEU A 16 -11.54 -5.68 -21.07
CA LEU A 16 -11.34 -6.97 -20.40
C LEU A 16 -9.97 -6.96 -19.64
N VAL A 17 -9.97 -7.56 -18.43
CA VAL A 17 -8.79 -7.62 -17.62
C VAL A 17 -8.50 -9.09 -17.43
N LEU A 18 -7.36 -9.55 -17.94
CA LEU A 18 -7.05 -10.98 -17.83
C LEU A 18 -6.36 -11.23 -16.53
N ALA A 19 -7.05 -11.95 -15.64
CA ALA A 19 -6.55 -12.19 -14.34
C ALA A 19 -6.74 -13.64 -13.89
N ALA A 20 -6.71 -14.58 -14.83
CA ALA A 20 -7.03 -15.97 -14.51
C ALA A 20 -5.84 -16.95 -14.68
N GLY A 21 -4.63 -16.41 -14.81
CA GLY A 21 -3.47 -17.28 -14.99
C GLY A 21 -3.16 -17.87 -13.62
N PRO A 22 -2.42 -18.97 -13.58
CA PRO A 22 -2.02 -19.53 -12.28
C PRO A 22 -1.05 -18.64 -11.45
N GLY A 23 -0.18 -17.85 -12.08
CA GLY A 23 0.74 -17.01 -11.35
C GLY A 23 1.90 -17.81 -10.76
N THR A 24 2.28 -18.92 -11.41
CA THR A 24 3.23 -19.89 -10.79
C THR A 24 4.63 -19.24 -10.46
N ARG A 25 5.07 -18.29 -11.26
CA ARG A 25 6.39 -17.65 -11.12
C ARG A 25 6.45 -16.74 -9.85
N MET A 26 5.29 -16.36 -9.30
CA MET A 26 5.28 -15.67 -7.97
C MET A 26 5.68 -16.63 -6.82
N ARG A 27 5.50 -17.95 -7.01
CA ARG A 27 5.76 -18.95 -5.91
C ARG A 27 5.02 -18.60 -4.66
N SER A 28 3.71 -18.42 -4.77
CA SER A 28 2.94 -17.92 -3.63
C SER A 28 1.64 -18.67 -3.46
N ASP A 29 1.19 -18.79 -2.22
CA ASP A 29 -0.16 -19.27 -1.99
C ASP A 29 -1.19 -18.18 -2.05
N THR A 30 -0.79 -16.89 -2.22
CA THR A 30 -1.75 -15.76 -2.48
C THR A 30 -1.79 -15.49 -3.93
N PRO A 31 -3.02 -15.48 -4.54
CA PRO A 31 -3.12 -15.26 -5.97
C PRO A 31 -2.32 -14.03 -6.40
N LYS A 32 -1.64 -14.15 -7.54
CA LYS A 32 -0.72 -13.16 -8.04
C LYS A 32 -1.30 -11.72 -8.01
N VAL A 33 -2.47 -11.56 -8.60
CA VAL A 33 -3.08 -10.26 -8.81
C VAL A 33 -3.52 -9.60 -7.47
N LEU A 34 -3.47 -10.38 -6.36
CA LEU A 34 -3.72 -9.86 -5.02
C LEU A 34 -2.45 -9.35 -4.34
N HIS A 35 -1.27 -9.64 -4.88
CA HIS A 35 -0.07 -8.99 -4.27
C HIS A 35 -0.05 -7.50 -4.42
N THR A 36 0.56 -6.82 -3.42
CA THR A 36 0.35 -5.36 -3.28
C THR A 36 1.56 -4.53 -3.54
N LEU A 37 1.29 -3.27 -3.91
CA LEU A 37 2.38 -2.29 -3.89
C LEU A 37 1.68 -0.98 -3.60
N ALA A 38 2.30 -0.19 -2.71
CA ALA A 38 1.80 1.19 -2.36
C ALA A 38 0.42 1.15 -1.77
N GLY A 39 0.09 0.02 -1.16
CA GLY A 39 -1.19 -0.09 -0.42
C GLY A 39 -2.41 -0.55 -1.21
N ARG A 40 -2.25 -0.91 -2.49
CA ARG A 40 -3.30 -1.62 -3.31
C ARG A 40 -2.77 -2.85 -4.03
N SER A 41 -3.59 -3.88 -4.14
CA SER A 41 -3.29 -5.08 -4.93
C SER A 41 -3.10 -4.68 -6.39
N MET A 42 -2.37 -5.47 -7.16
CA MET A 42 -2.23 -5.13 -8.57
C MET A 42 -3.59 -5.07 -9.24
N LEU A 43 -4.49 -5.98 -8.89
CA LEU A 43 -5.81 -5.93 -9.60
C LEU A 43 -6.55 -4.62 -9.22
N SER A 44 -6.50 -4.24 -7.94
CA SER A 44 -7.04 -2.94 -7.55
C SER A 44 -6.49 -1.70 -8.32
N HIS A 45 -5.16 -1.59 -8.41
CA HIS A 45 -4.53 -0.59 -9.26
C HIS A 45 -5.13 -0.61 -10.71
N VAL A 46 -5.18 -1.80 -11.31
CA VAL A 46 -5.65 -1.88 -12.73
C VAL A 46 -7.17 -1.46 -12.81
N LEU A 47 -8.03 -1.93 -11.91
CA LEU A 47 -9.42 -1.56 -11.92
C LEU A 47 -9.71 -0.05 -11.62
N HIS A 48 -8.96 0.55 -10.67
CA HIS A 48 -8.93 2.00 -10.50
C HIS A 48 -8.62 2.80 -11.75
N ALA A 49 -7.55 2.45 -12.46
CA ALA A 49 -7.20 3.18 -13.66
C ALA A 49 -8.32 3.02 -14.72
N ILE A 50 -8.96 1.85 -14.76
CA ILE A 50 -9.99 1.61 -15.82
C ILE A 50 -11.30 2.29 -15.45
N ALA A 51 -11.74 2.19 -14.19
CA ALA A 51 -12.96 2.91 -13.74
C ALA A 51 -12.88 4.39 -14.10
N LYS A 52 -11.68 4.97 -14.09
CA LYS A 52 -11.50 6.40 -14.27
C LYS A 52 -11.75 6.67 -15.76
N LEU A 53 -11.35 5.70 -16.59
CA LEU A 53 -11.56 5.82 -18.02
C LEU A 53 -13.05 5.74 -18.31
N ALA A 54 -13.78 5.08 -17.42
CA ALA A 54 -15.25 4.89 -17.50
C ALA A 54 -15.79 4.35 -18.85
N PRO A 55 -15.38 3.11 -19.24
CA PRO A 55 -15.92 2.44 -20.42
C PRO A 55 -17.32 1.91 -20.16
N GLN A 56 -18.06 1.60 -21.22
CA GLN A 56 -19.38 1.09 -21.03
C GLN A 56 -19.40 -0.26 -20.30
N ARG A 57 -18.44 -1.15 -20.62
CA ARG A 57 -18.38 -2.44 -19.93
C ARG A 57 -16.95 -2.68 -19.39
N LEU A 58 -16.88 -3.49 -18.34
CA LEU A 58 -15.62 -3.78 -17.61
C LEU A 58 -15.80 -5.22 -17.16
N ILE A 59 -15.00 -6.11 -17.78
CA ILE A 59 -15.05 -7.52 -17.48
C ILE A 59 -13.68 -8.05 -16.96
N VAL A 60 -13.74 -8.82 -15.87
CA VAL A 60 -12.54 -9.38 -15.30
C VAL A 60 -12.68 -10.87 -15.45
N VAL A 61 -11.67 -11.46 -16.09
CA VAL A 61 -11.62 -12.89 -16.28
C VAL A 61 -10.86 -13.48 -15.12
N LEU A 62 -11.53 -14.40 -14.42
CA LEU A 62 -10.96 -15.08 -13.26
C LEU A 62 -10.90 -16.59 -13.49
N GLY A 63 -10.01 -17.25 -12.80
CA GLY A 63 -9.68 -18.64 -13.05
C GLY A 63 -9.86 -19.46 -11.82
N HIS A 64 -8.91 -20.35 -11.56
CA HIS A 64 -9.00 -21.24 -10.40
C HIS A 64 -9.30 -20.51 -9.06
N ASP A 65 -8.55 -19.47 -8.69
CA ASP A 65 -8.74 -18.92 -7.35
C ASP A 65 -9.94 -17.97 -7.35
N HIS A 66 -10.94 -18.18 -8.23
CA HIS A 66 -12.00 -17.16 -8.42
C HIS A 66 -12.84 -16.93 -7.17
N GLN A 67 -13.12 -18.00 -6.43
CA GLN A 67 -13.74 -17.92 -5.11
C GLN A 67 -13.10 -16.83 -4.21
N ARG A 68 -11.75 -16.74 -4.23
CA ARG A 68 -11.04 -15.77 -3.41
C ARG A 68 -10.76 -14.41 -4.01
N ILE A 69 -11.15 -14.18 -5.27
CA ILE A 69 -10.87 -12.91 -5.91
C ILE A 69 -12.18 -12.20 -6.22
N ALA A 70 -13.21 -12.96 -6.64
CA ALA A 70 -14.48 -12.35 -7.07
C ALA A 70 -15.09 -11.44 -6.01
N PRO A 71 -15.08 -11.87 -4.72
CA PRO A 71 -15.67 -10.92 -3.74
C PRO A 71 -14.95 -9.57 -3.67
N LEU A 72 -13.63 -9.60 -3.87
CA LEU A 72 -12.81 -8.40 -3.81
C LEU A 72 -13.19 -7.51 -4.98
N VAL A 73 -13.47 -8.13 -6.12
CA VAL A 73 -13.87 -7.38 -7.32
C VAL A 73 -15.24 -6.65 -7.08
N GLY A 74 -16.12 -7.31 -6.33
CA GLY A 74 -17.47 -6.77 -6.02
C GLY A 74 -17.38 -5.62 -5.02
N GLU A 75 -16.58 -5.79 -3.95
CA GLU A 75 -16.25 -4.64 -3.11
C GLU A 75 -15.71 -3.48 -3.95
N LEU A 76 -14.90 -3.73 -4.98
CA LEU A 76 -14.30 -2.61 -5.73
C LEU A 76 -15.27 -1.96 -6.67
N ALA A 77 -16.14 -2.77 -7.26
CA ALA A 77 -17.27 -2.26 -8.06
C ALA A 77 -18.13 -1.29 -7.21
N ASP A 78 -18.49 -1.69 -5.99
CA ASP A 78 -19.18 -0.82 -5.02
C ASP A 78 -18.42 0.47 -4.76
N THR A 79 -17.14 0.33 -4.36
CA THR A 79 -16.25 1.46 -4.09
C THR A 79 -16.18 2.44 -5.24
N LEU A 80 -16.05 1.95 -6.47
CA LEU A 80 -15.90 2.83 -7.62
C LEU A 80 -17.23 3.26 -8.23
N GLY A 81 -18.35 2.79 -7.65
CA GLY A 81 -19.69 3.13 -8.18
C GLY A 81 -19.86 2.76 -9.65
N ARG A 82 -19.76 1.45 -9.94
CA ARG A 82 -20.00 0.95 -11.32
C ARG A 82 -20.07 -0.56 -11.22
N THR A 83 -20.63 -1.23 -12.21
CA THR A 83 -20.73 -2.68 -12.12
C THR A 83 -19.49 -3.27 -12.86
N ILE A 84 -19.01 -4.38 -12.36
CA ILE A 84 -17.85 -4.99 -13.00
C ILE A 84 -18.20 -6.44 -13.06
N ASP A 85 -18.29 -6.96 -14.28
CA ASP A 85 -18.65 -8.38 -14.45
C ASP A 85 -17.44 -9.25 -14.33
N VAL A 86 -17.68 -10.49 -13.96
CA VAL A 86 -16.65 -11.51 -13.83
C VAL A 86 -16.97 -12.61 -14.86
N ALA A 87 -16.03 -12.91 -15.79
CA ALA A 87 -16.18 -14.07 -16.66
C ALA A 87 -15.24 -15.16 -16.11
N LEU A 88 -15.64 -16.45 -16.15
CA LEU A 88 -14.79 -17.50 -15.64
C LEU A 88 -14.01 -18.21 -16.74
N GLN A 89 -12.73 -18.44 -16.50
CA GLN A 89 -11.94 -19.18 -17.40
C GLN A 89 -11.56 -20.49 -16.68
N ASP A 90 -12.26 -21.57 -17.05
CA ASP A 90 -12.08 -22.90 -16.38
C ASP A 90 -10.61 -23.38 -16.23
N ARG A 91 -9.87 -23.34 -17.33
CA ARG A 91 -8.50 -23.83 -17.27
C ARG A 91 -7.62 -22.83 -17.97
N PRO A 92 -6.40 -22.63 -17.45
CA PRO A 92 -5.65 -21.50 -17.97
C PRO A 92 -5.00 -21.85 -19.31
N LEU A 93 -5.82 -21.88 -20.36
CA LEU A 93 -5.32 -22.37 -21.63
C LEU A 93 -4.44 -21.35 -22.41
N GLY A 94 -4.33 -20.10 -21.88
CA GLY A 94 -3.58 -19.04 -22.59
C GLY A 94 -4.32 -17.68 -22.60
N THR A 95 -3.57 -16.60 -22.81
CA THR A 95 -4.17 -15.28 -22.89
C THR A 95 -5.24 -15.15 -24.02
N GLY A 96 -5.06 -15.85 -25.13
CA GLY A 96 -6.05 -15.81 -26.26
C GLY A 96 -7.36 -16.47 -25.81
N HIS A 97 -7.24 -17.64 -25.17
CA HIS A 97 -8.37 -18.26 -24.55
C HIS A 97 -9.04 -17.43 -23.41
N ALA A 98 -8.26 -16.77 -22.53
CA ALA A 98 -8.85 -15.86 -21.53
C ALA A 98 -9.70 -14.78 -22.22
N VAL A 99 -9.20 -14.22 -23.29
CA VAL A 99 -10.00 -13.19 -24.00
C VAL A 99 -11.33 -13.79 -24.59
N LEU A 100 -11.24 -15.03 -25.11
CA LEU A 100 -12.46 -15.72 -25.55
C LEU A 100 -13.44 -15.85 -24.44
N CYS A 101 -12.95 -16.23 -23.24
CA CYS A 101 -13.87 -16.35 -22.12
C CYS A 101 -14.44 -14.98 -21.74
N GLY A 102 -13.64 -13.93 -21.92
CA GLY A 102 -14.07 -12.60 -21.51
C GLY A 102 -15.20 -12.10 -22.39
N LEU A 103 -15.07 -12.34 -23.68
CA LEU A 103 -16.03 -11.89 -24.71
C LEU A 103 -17.41 -12.47 -24.50
N SER A 104 -17.46 -13.61 -23.86
CA SER A 104 -18.67 -14.30 -23.57
C SER A 104 -19.55 -13.59 -22.56
N ALA A 105 -19.00 -12.64 -21.80
CA ALA A 105 -19.79 -11.85 -20.90
C ALA A 105 -20.40 -10.64 -21.64
N LEU A 106 -20.08 -10.47 -22.94
CA LEU A 106 -20.65 -9.41 -23.78
C LEU A 106 -21.86 -9.97 -24.58
N PRO A 107 -22.84 -9.10 -24.96
CA PRO A 107 -23.86 -9.61 -25.90
C PRO A 107 -23.27 -10.20 -27.20
N ASP A 108 -23.95 -11.21 -27.78
CA ASP A 108 -23.53 -11.83 -29.07
C ASP A 108 -23.27 -10.81 -30.14
N ASP A 109 -24.09 -9.77 -30.11
CA ASP A 109 -24.10 -8.72 -31.13
C ASP A 109 -23.38 -7.41 -30.72
N TYR A 110 -22.61 -7.45 -29.62
CA TYR A 110 -21.81 -6.28 -29.22
C TYR A 110 -21.00 -5.74 -30.36
N ALA A 111 -20.93 -4.42 -30.43
CA ALA A 111 -20.31 -3.76 -31.56
C ALA A 111 -19.28 -2.69 -31.15
N GLY A 112 -19.16 -2.38 -29.87
CA GLY A 112 -18.05 -1.48 -29.45
C GLY A 112 -16.62 -2.04 -29.61
N ASN A 113 -15.61 -1.18 -29.44
CA ASN A 113 -14.19 -1.55 -29.31
C ASN A 113 -13.98 -2.51 -28.14
N VAL A 114 -12.92 -3.33 -28.23
CA VAL A 114 -12.55 -4.22 -27.15
C VAL A 114 -11.11 -3.86 -26.76
N VAL A 115 -10.99 -3.41 -25.52
CA VAL A 115 -9.68 -3.16 -25.00
C VAL A 115 -9.29 -4.36 -24.09
N VAL A 116 -8.02 -4.81 -24.22
CA VAL A 116 -7.55 -5.93 -23.38
C VAL A 116 -6.31 -5.50 -22.57
N THR A 117 -6.32 -5.81 -21.30
CA THR A 117 -5.10 -5.63 -20.54
C THR A 117 -4.94 -6.69 -19.47
N SER A 118 -3.77 -6.78 -18.88
CA SER A 118 -3.45 -7.83 -17.92
C SER A 118 -3.70 -7.29 -16.50
N GLY A 119 -4.00 -8.19 -15.59
CA GLY A 119 -3.97 -7.85 -14.18
C GLY A 119 -2.60 -7.63 -13.57
N ASP A 120 -1.53 -7.97 -14.29
CA ASP A 120 -0.19 -7.78 -13.75
C ASP A 120 0.56 -6.59 -14.32
N THR A 121 -0.17 -5.58 -14.84
CA THR A 121 0.44 -4.33 -15.36
C THR A 121 -0.09 -3.14 -14.54
N PRO A 122 0.42 -2.96 -13.33
CA PRO A 122 -0.35 -2.18 -12.37
C PRO A 122 -0.14 -0.65 -12.37
N LEU A 123 0.85 -0.14 -13.14
CA LEU A 123 1.07 1.28 -13.29
C LEU A 123 0.34 1.87 -14.51
N LEU A 124 -0.39 1.01 -15.20
CA LEU A 124 -1.11 1.45 -16.35
C LEU A 124 -2.18 2.46 -15.87
N ASP A 125 -2.24 3.60 -16.54
CA ASP A 125 -3.14 4.69 -16.08
C ASP A 125 -4.18 5.05 -17.11
N ALA A 126 -5.21 5.73 -16.63
CA ALA A 126 -6.33 6.17 -17.48
C ALA A 126 -5.91 6.88 -18.74
N ASP A 127 -4.86 7.71 -18.68
CA ASP A 127 -4.45 8.52 -19.83
C ASP A 127 -3.92 7.64 -20.98
N THR A 128 -2.97 6.75 -20.64
CA THR A 128 -2.46 5.72 -21.55
C THR A 128 -3.62 4.94 -22.21
N LEU A 129 -4.61 4.53 -21.45
CA LEU A 129 -5.76 3.82 -22.02
C LEU A 129 -6.56 4.69 -22.98
N ALA A 130 -6.76 5.95 -22.61
CA ALA A 130 -7.53 6.87 -23.44
C ALA A 130 -6.80 7.07 -24.75
N ASP A 131 -5.49 7.31 -24.68
CA ASP A 131 -4.70 7.62 -25.86
C ASP A 131 -4.71 6.42 -26.83
N LEU A 132 -4.72 5.21 -26.25
CA LEU A 132 -4.78 3.98 -27.02
C LEU A 132 -6.08 3.93 -27.83
N ILE A 133 -7.19 4.16 -27.16
CA ILE A 133 -8.48 4.11 -27.80
C ILE A 133 -8.52 5.21 -28.92
N ALA A 134 -7.97 6.38 -28.63
CA ALA A 134 -7.95 7.49 -29.62
C ALA A 134 -7.11 7.16 -30.84
N THR A 135 -5.93 6.57 -30.62
CA THR A 135 -5.08 6.13 -31.71
C THR A 135 -5.76 5.05 -32.57
N HIS A 136 -6.35 4.06 -31.90
CA HIS A 136 -7.04 2.92 -32.55
C HIS A 136 -8.13 3.40 -33.51
N ARG A 137 -8.94 4.34 -33.02
CA ARG A 137 -10.02 4.92 -33.78
C ARG A 137 -9.53 5.84 -34.87
N ALA A 138 -8.40 6.51 -34.64
CA ALA A 138 -7.88 7.48 -35.61
C ALA A 138 -7.30 6.81 -36.84
N VAL A 139 -6.72 5.62 -36.67
CA VAL A 139 -6.07 4.92 -37.78
C VAL A 139 -6.96 3.81 -38.28
N SER A 140 -8.19 3.74 -37.80
CA SER A 140 -9.11 2.64 -38.12
C SER A 140 -8.42 1.24 -38.17
N ALA A 141 -7.90 0.79 -37.02
CA ALA A 141 -7.02 -0.39 -36.97
C ALA A 141 -7.89 -1.54 -36.67
N ALA A 142 -7.50 -2.75 -37.09
CA ALA A 142 -8.30 -3.85 -36.61
C ALA A 142 -7.75 -4.13 -35.20
N VAL A 143 -6.45 -3.88 -35.01
CA VAL A 143 -5.83 -4.04 -33.67
C VAL A 143 -4.74 -2.97 -33.47
N THR A 144 -4.71 -2.38 -32.28
CA THR A 144 -3.62 -1.51 -31.90
C THR A 144 -2.96 -2.05 -30.64
N VAL A 145 -1.64 -2.21 -30.66
CA VAL A 145 -0.91 -2.79 -29.54
C VAL A 145 0.07 -1.72 -28.97
N LEU A 146 0.08 -1.61 -27.63
CA LEU A 146 1.04 -0.70 -26.94
C LEU A 146 2.37 -1.39 -26.86
N THR A 147 3.43 -0.65 -27.14
CA THR A 147 4.74 -1.25 -27.10
C THR A 147 5.59 -0.28 -26.31
N THR A 148 6.79 -0.69 -25.95
CA THR A 148 7.75 0.22 -25.34
C THR A 148 9.11 -0.33 -25.63
N THR A 149 10.15 0.35 -25.18
CA THR A 149 11.49 -0.16 -25.38
C THR A 149 12.31 -0.17 -24.13
N LEU A 150 13.00 -1.28 -23.91
CA LEU A 150 13.57 -1.57 -22.61
C LEU A 150 15.02 -2.02 -22.74
N ASP A 151 15.91 -1.58 -21.83
CA ASP A 151 17.26 -2.11 -21.76
C ASP A 151 17.25 -3.63 -21.49
N ASP A 152 16.36 -4.04 -20.56
CA ASP A 152 16.16 -5.48 -20.29
C ASP A 152 14.78 -6.02 -20.70
N PRO A 153 14.67 -6.59 -21.90
CA PRO A 153 13.34 -7.06 -22.38
C PRO A 153 13.03 -8.53 -22.00
N PHE A 154 13.84 -9.15 -21.12
CA PHE A 154 13.62 -10.55 -20.78
C PHE A 154 12.16 -10.83 -20.41
N GLY A 155 11.55 -11.85 -21.03
CA GLY A 155 10.22 -12.28 -20.58
C GLY A 155 9.08 -11.62 -21.34
N TYR A 156 9.37 -10.50 -22.03
CA TYR A 156 8.38 -9.81 -22.85
C TYR A 156 8.29 -10.42 -24.30
N GLY A 157 7.09 -10.43 -24.90
CA GLY A 157 6.96 -10.67 -26.32
C GLY A 157 7.74 -9.59 -27.04
N ARG A 158 8.51 -9.99 -28.04
CA ARG A 158 9.32 -9.03 -28.82
C ARG A 158 8.51 -8.58 -30.01
N ILE A 159 8.58 -7.27 -30.32
CA ILE A 159 7.91 -6.70 -31.53
C ILE A 159 8.69 -7.00 -32.84
N LEU A 160 8.07 -7.69 -33.80
CA LEU A 160 8.77 -8.01 -35.07
C LEU A 160 8.32 -6.99 -36.07
N ARG A 161 9.25 -6.29 -36.71
CA ARG A 161 8.83 -5.32 -37.73
C ARG A 161 9.45 -5.65 -39.08
N THR A 162 8.76 -5.31 -40.17
CA THR A 162 9.43 -5.34 -41.50
C THR A 162 10.41 -4.20 -41.69
N GLN A 163 11.23 -4.32 -42.72
CA GLN A 163 12.20 -3.28 -43.21
C GLN A 163 11.60 -1.86 -43.25
N ASP A 164 10.28 -1.80 -43.49
CA ASP A 164 9.46 -0.58 -43.55
C ASP A 164 8.85 -0.19 -42.21
N HIS A 165 9.22 -0.90 -41.14
CA HIS A 165 8.79 -0.54 -39.77
C HIS A 165 7.31 -0.85 -39.55
N GLU A 166 6.73 -1.68 -40.42
CA GLU A 166 5.36 -2.18 -40.25
C GLU A 166 5.36 -3.37 -39.27
N VAL A 167 4.43 -3.40 -38.33
CA VAL A 167 4.38 -4.49 -37.36
C VAL A 167 3.91 -5.76 -38.02
N MET A 168 4.67 -6.83 -37.82
CA MET A 168 4.49 -8.12 -38.51
C MET A 168 3.86 -9.18 -37.54
N ALA A 169 4.37 -9.19 -36.30
CA ALA A 169 4.14 -10.27 -35.35
C ALA A 169 4.69 -9.88 -33.96
N ILE A 170 4.26 -10.66 -32.96
CA ILE A 170 4.82 -10.64 -31.62
C ILE A 170 5.35 -12.09 -31.33
N VAL A 171 6.61 -12.18 -30.96
CA VAL A 171 7.18 -13.47 -30.63
C VAL A 171 7.49 -13.57 -29.11
N GLU A 172 7.01 -14.61 -28.43
CA GLU A 172 7.21 -14.71 -26.98
C GLU A 172 8.65 -15.08 -26.67
N GLN A 173 9.10 -14.64 -25.49
CA GLN A 173 10.45 -14.96 -25.00
C GLN A 173 10.77 -16.48 -25.19
N THR A 174 9.86 -17.40 -24.75
CA THR A 174 10.10 -18.90 -24.95
C THR A 174 10.24 -19.33 -26.43
N ASP A 175 9.68 -18.55 -27.37
CA ASP A 175 9.62 -18.97 -28.75
C ASP A 175 10.62 -18.21 -29.62
N ALA A 176 11.33 -17.26 -29.04
CA ALA A 176 12.12 -16.38 -29.87
C ALA A 176 13.52 -16.99 -30.15
N THR A 177 14.13 -16.73 -31.31
CA THR A 177 15.52 -17.16 -31.58
C THR A 177 16.47 -16.37 -30.70
N PRO A 178 17.72 -16.86 -30.46
CA PRO A 178 18.71 -16.00 -29.75
C PRO A 178 18.80 -14.58 -30.30
N SER A 179 18.65 -14.49 -31.60
CA SER A 179 18.76 -13.26 -32.34
C SER A 179 17.51 -12.36 -32.14
N GLN A 180 16.32 -12.96 -32.26
CA GLN A 180 15.09 -12.21 -31.93
C GLN A 180 15.09 -11.76 -30.44
N ARG A 181 15.73 -12.55 -29.57
CA ARG A 181 15.81 -12.15 -28.15
C ARG A 181 16.54 -10.81 -27.90
N GLU A 182 17.30 -10.33 -28.88
CA GLU A 182 18.06 -9.07 -28.69
C GLU A 182 17.15 -7.89 -28.98
N ILE A 183 15.99 -8.16 -29.59
CA ILE A 183 15.03 -7.09 -29.82
C ILE A 183 14.59 -6.44 -28.47
N ARG A 184 14.66 -5.09 -28.42
CA ARG A 184 14.41 -4.38 -27.16
C ARG A 184 13.04 -3.74 -27.10
N GLU A 185 12.37 -3.69 -28.25
CA GLU A 185 11.01 -3.20 -28.30
C GLU A 185 10.01 -4.34 -27.94
N VAL A 186 9.18 -4.09 -26.94
CA VAL A 186 8.39 -5.18 -26.34
C VAL A 186 6.93 -4.92 -26.40
N ASN A 187 6.17 -5.99 -26.30
CA ASN A 187 4.72 -5.93 -26.22
C ASN A 187 4.29 -5.55 -24.78
N ALA A 188 3.49 -4.51 -24.64
CA ALA A 188 2.94 -4.16 -23.33
C ALA A 188 1.88 -5.12 -22.87
N GLY A 189 1.32 -5.89 -23.82
CA GLY A 189 0.16 -6.72 -23.45
C GLY A 189 -1.13 -5.92 -23.23
N VAL A 190 -1.17 -4.69 -23.80
CA VAL A 190 -2.33 -3.80 -23.72
C VAL A 190 -2.77 -3.57 -25.17
N TYR A 191 -4.05 -3.84 -25.49
CA TYR A 191 -4.46 -3.76 -26.92
C TYR A 191 -5.81 -3.10 -27.07
N ALA A 192 -6.05 -2.52 -28.25
CA ALA A 192 -7.43 -2.25 -28.66
C ALA A 192 -7.80 -3.11 -29.87
N PHE A 193 -9.05 -3.56 -29.95
CA PHE A 193 -9.43 -4.36 -31.11
C PHE A 193 -10.76 -3.95 -31.74
N ASP A 194 -10.87 -4.09 -33.05
CA ASP A 194 -12.18 -4.25 -33.69
C ASP A 194 -12.82 -5.63 -33.22
N ILE A 195 -14.02 -5.64 -32.61
CA ILE A 195 -14.58 -6.90 -32.11
C ILE A 195 -14.65 -8.10 -33.14
N ALA A 196 -15.09 -7.80 -34.35
CA ALA A 196 -15.31 -8.81 -35.39
C ALA A 196 -13.96 -9.37 -35.83
N ALA A 197 -12.95 -8.51 -35.91
CA ALA A 197 -11.67 -9.01 -36.30
C ALA A 197 -11.05 -9.86 -35.19
N LEU A 198 -11.29 -9.47 -33.94
CA LEU A 198 -10.74 -10.16 -32.77
C LEU A 198 -11.40 -11.55 -32.70
N ARG A 199 -12.73 -11.60 -32.75
CA ARG A 199 -13.44 -12.91 -32.79
C ARG A 199 -12.94 -13.80 -33.88
N SER A 200 -12.75 -13.24 -35.08
CA SER A 200 -12.22 -14.00 -36.18
C SER A 200 -10.83 -14.55 -35.94
N ALA A 201 -9.90 -13.70 -35.49
CA ALA A 201 -8.52 -14.13 -35.27
C ALA A 201 -8.45 -15.21 -34.12
N LEU A 202 -9.24 -15.05 -33.07
CA LEU A 202 -9.17 -15.97 -31.91
C LEU A 202 -9.54 -17.39 -32.29
N SER A 203 -10.53 -17.53 -33.21
CA SER A 203 -11.00 -18.83 -33.67
C SER A 203 -9.95 -19.55 -34.50
N ARG A 204 -8.91 -18.82 -34.91
CA ARG A 204 -7.81 -19.43 -35.64
C ARG A 204 -6.51 -19.68 -34.86
N LEU A 205 -6.49 -19.41 -33.54
CA LEU A 205 -5.29 -19.68 -32.77
C LEU A 205 -5.08 -21.19 -32.62
N SER A 206 -3.83 -21.56 -32.69
CA SER A 206 -3.48 -22.93 -32.31
C SER A 206 -2.39 -22.84 -31.21
N SER A 207 -2.17 -23.97 -30.51
CA SER A 207 -1.32 -23.94 -29.34
C SER A 207 -0.01 -24.67 -29.59
N ASN A 208 0.38 -24.75 -30.85
CA ASN A 208 1.63 -25.40 -31.17
C ASN A 208 2.81 -24.40 -31.00
N ASN A 209 3.20 -24.17 -29.75
CA ASN A 209 4.37 -23.24 -29.50
C ASN A 209 5.07 -23.76 -28.27
N ALA A 210 6.10 -23.08 -27.79
CA ALA A 210 6.92 -23.62 -26.73
C ALA A 210 6.22 -23.73 -25.41
N GLN A 211 5.08 -23.04 -25.19
CA GLN A 211 4.36 -23.15 -23.90
C GLN A 211 3.11 -24.00 -24.09
N GLN A 212 2.83 -24.35 -25.34
CA GLN A 212 1.63 -25.09 -25.67
C GLN A 212 0.44 -24.36 -25.11
N GLU A 213 0.30 -23.10 -25.52
CA GLU A 213 -0.76 -22.26 -24.98
C GLU A 213 -1.37 -21.55 -26.10
N LEU A 214 -2.60 -21.08 -25.90
CA LEU A 214 -3.23 -20.23 -26.91
C LEU A 214 -2.84 -18.76 -26.67
N TYR A 215 -1.90 -18.26 -27.47
CA TYR A 215 -1.35 -16.91 -27.28
C TYR A 215 -2.18 -15.79 -27.85
N LEU A 216 -2.64 -14.87 -27.01
CA LEU A 216 -3.27 -13.63 -27.57
C LEU A 216 -2.40 -12.94 -28.58
N THR A 217 -1.10 -13.00 -28.35
CA THR A 217 -0.12 -12.34 -29.22
C THR A 217 -0.11 -12.78 -30.68
N ASP A 218 -0.58 -14.01 -30.94
CA ASP A 218 -0.59 -14.56 -32.34
C ASP A 218 -1.62 -13.84 -33.22
N VAL A 219 -2.58 -13.19 -32.57
CA VAL A 219 -3.65 -12.49 -33.26
C VAL A 219 -3.05 -11.38 -34.16
N ILE A 220 -1.86 -10.90 -33.79
CA ILE A 220 -1.24 -9.83 -34.51
C ILE A 220 -0.83 -10.30 -35.92
N ALA A 221 -0.07 -11.39 -35.99
CA ALA A 221 0.32 -11.98 -37.27
C ALA A 221 -0.94 -12.51 -38.03
N ILE A 222 -1.93 -13.00 -37.33
CA ILE A 222 -3.15 -13.52 -37.98
C ILE A 222 -3.89 -12.35 -38.71
N LEU A 223 -4.24 -11.27 -38.00
CA LEU A 223 -4.85 -10.06 -38.65
C LEU A 223 -3.97 -9.45 -39.76
N ARG A 224 -2.65 -9.45 -39.60
CA ARG A 224 -1.73 -9.01 -40.64
C ARG A 224 -1.89 -9.89 -41.93
N SER A 225 -1.95 -11.20 -41.71
CA SER A 225 -2.30 -12.25 -42.68
C SER A 225 -3.49 -11.87 -43.54
N ASP A 226 -4.54 -11.40 -42.90
CA ASP A 226 -5.78 -11.04 -43.56
C ASP A 226 -5.76 -9.66 -44.19
N GLY A 227 -4.59 -9.04 -44.25
CA GLY A 227 -4.40 -7.66 -44.72
C GLY A 227 -5.15 -6.62 -43.90
N GLN A 228 -5.37 -6.88 -42.62
CA GLN A 228 -6.04 -5.93 -41.77
C GLN A 228 -5.02 -4.93 -41.24
N THR A 229 -5.52 -3.78 -40.79
CA THR A 229 -4.63 -2.74 -40.27
C THR A 229 -4.16 -3.10 -38.84
N VAL A 230 -2.84 -3.24 -38.68
CA VAL A 230 -2.19 -3.50 -37.42
C VAL A 230 -1.30 -2.31 -37.05
N HIS A 231 -1.64 -1.64 -35.95
CA HIS A 231 -0.92 -0.46 -35.48
C HIS A 231 -0.28 -0.69 -34.09
N ALA A 232 1.04 -0.53 -33.95
CA ALA A 232 1.72 -0.36 -32.67
C ALA A 232 1.77 1.11 -32.23
N SER A 233 1.50 1.37 -30.94
CA SER A 233 1.66 2.70 -30.34
C SER A 233 2.73 2.65 -29.23
N HIS A 234 3.84 3.36 -29.43
CA HIS A 234 4.99 3.32 -28.55
C HIS A 234 4.79 4.14 -27.25
N VAL A 235 4.86 3.47 -26.11
CA VAL A 235 4.68 4.22 -24.84
C VAL A 235 6.11 4.58 -24.39
N ASP A 236 6.49 5.87 -24.38
CA ASP A 236 7.92 6.16 -24.03
C ASP A 236 8.20 5.95 -22.53
N ASP A 237 7.22 6.24 -21.70
CA ASP A 237 7.43 5.99 -20.23
C ASP A 237 7.18 4.50 -19.92
N SER A 238 8.23 3.70 -20.01
CA SER A 238 8.11 2.23 -20.00
C SER A 238 7.43 1.69 -18.78
N ALA A 239 7.58 2.41 -17.65
CA ALA A 239 7.03 1.99 -16.38
C ALA A 239 5.55 1.80 -16.44
N LEU A 240 4.84 2.69 -17.15
CA LEU A 240 3.41 2.64 -17.20
C LEU A 240 2.92 1.28 -17.76
N VAL A 241 3.76 0.58 -18.50
CA VAL A 241 3.31 -0.66 -19.13
C VAL A 241 4.20 -1.83 -18.73
N ALA A 242 4.97 -1.62 -17.69
CA ALA A 242 5.79 -2.72 -17.21
C ALA A 242 4.92 -3.83 -16.59
N GLY A 243 5.33 -5.09 -16.81
CA GLY A 243 4.62 -6.21 -16.16
C GLY A 243 5.30 -6.81 -14.95
N VAL A 244 4.53 -7.62 -14.19
CA VAL A 244 5.03 -8.33 -12.98
C VAL A 244 4.69 -9.80 -13.05
N ASN A 245 5.68 -10.65 -13.30
CA ASN A 245 5.51 -12.11 -13.31
C ASN A 245 6.12 -12.78 -12.13
N ASN A 246 7.00 -12.05 -11.41
CA ASN A 246 7.64 -12.68 -10.23
C ASN A 246 7.88 -11.53 -9.18
N ARG A 247 8.31 -11.92 -8.00
CA ARG A 247 8.50 -11.00 -6.89
C ARG A 247 9.66 -10.00 -7.11
N VAL A 248 10.68 -10.36 -7.90
CA VAL A 248 11.75 -9.41 -8.27
C VAL A 248 11.15 -8.23 -9.06
N GLN A 249 10.35 -8.56 -10.09
CA GLN A 249 9.69 -7.53 -10.85
C GLN A 249 8.64 -6.75 -10.02
N LEU A 250 7.96 -7.44 -9.14
CA LEU A 250 7.00 -6.75 -8.23
C LEU A 250 7.76 -5.62 -7.42
N ALA A 251 8.87 -5.98 -6.77
CA ALA A 251 9.61 -5.00 -5.90
C ALA A 251 10.20 -3.88 -6.77
N GLU A 252 10.68 -4.20 -7.98
CA GLU A 252 11.18 -3.14 -8.90
C GLU A 252 10.11 -2.11 -9.25
N LEU A 253 8.91 -2.57 -9.61
CA LEU A 253 7.84 -1.69 -9.97
C LEU A 253 7.26 -0.98 -8.73
N ALA A 254 7.35 -1.59 -7.57
CA ALA A 254 6.88 -0.98 -6.35
C ALA A 254 7.83 0.18 -6.05
N SER A 255 9.12 -0.04 -6.27
CA SER A 255 10.10 1.03 -6.02
C SER A 255 9.98 2.21 -7.04
N GLU A 256 9.66 1.90 -8.29
CA GLU A 256 9.44 2.93 -9.29
C GLU A 256 8.18 3.77 -8.96
N LEU A 257 7.12 3.07 -8.66
CA LEU A 257 5.88 3.71 -8.24
C LEU A 257 6.12 4.56 -6.96
N ASN A 258 6.85 4.00 -5.99
CA ASN A 258 7.13 4.78 -4.76
C ASN A 258 7.93 6.06 -5.09
N ARG A 259 8.96 6.03 -5.95
CA ARG A 259 9.66 7.25 -6.35
C ARG A 259 8.71 8.32 -6.94
N ARG A 260 7.78 7.87 -7.74
CA ARG A 260 6.80 8.76 -8.30
C ARG A 260 5.87 9.39 -7.31
N VAL A 261 5.37 8.59 -6.36
CA VAL A 261 4.54 9.14 -5.28
C VAL A 261 5.33 10.15 -4.45
N VAL A 262 6.51 9.77 -4.05
CA VAL A 262 7.32 10.71 -3.26
C VAL A 262 7.58 12.02 -4.03
N ALA A 263 7.94 11.90 -5.33
CA ALA A 263 8.20 13.08 -6.18
C ALA A 263 6.99 13.99 -6.22
N ALA A 264 5.78 13.41 -6.34
CA ALA A 264 4.57 14.22 -6.33
C ALA A 264 4.47 15.05 -5.04
N HIS A 265 4.74 14.40 -3.90
CA HIS A 265 4.79 15.12 -2.66
C HIS A 265 5.85 16.18 -2.54
N GLN A 266 7.08 15.90 -3.00
CA GLN A 266 8.15 16.88 -2.97
C GLN A 266 7.79 18.13 -3.85
N LEU A 267 7.25 17.90 -5.05
CA LEU A 267 6.79 19.02 -5.94
C LEU A 267 5.63 19.85 -5.34
N ALA A 268 4.82 19.24 -4.47
CA ALA A 268 3.75 19.94 -3.81
C ALA A 268 4.20 20.59 -2.51
N GLY A 269 5.45 20.41 -2.08
CA GLY A 269 5.88 21.16 -0.90
C GLY A 269 6.33 20.35 0.31
N VAL A 270 6.57 19.03 0.11
CA VAL A 270 7.02 18.17 1.22
C VAL A 270 8.54 17.90 1.07
N THR A 271 9.30 18.18 2.10
CA THR A 271 10.65 17.73 2.09
C THR A 271 10.75 16.24 2.38
N VAL A 272 11.42 15.52 1.47
CA VAL A 272 11.62 14.07 1.74
C VAL A 272 13.12 13.86 1.62
N VAL A 273 13.77 13.72 2.77
CA VAL A 273 15.21 13.77 2.81
C VAL A 273 15.81 12.64 1.95
N ASP A 274 15.19 11.45 2.02
CA ASP A 274 15.72 10.25 1.36
C ASP A 274 14.54 9.49 0.72
N PRO A 275 14.19 9.85 -0.49
CA PRO A 275 13.13 9.14 -1.26
C PRO A 275 13.31 7.63 -1.29
N ALA A 276 14.54 7.16 -1.41
CA ALA A 276 14.81 5.73 -1.54
C ALA A 276 14.38 4.94 -0.29
N THR A 277 14.40 5.56 0.87
CA THR A 277 14.01 4.86 2.09
C THR A 277 12.75 5.49 2.71
N THR A 278 11.95 6.15 1.89
CA THR A 278 10.70 6.67 2.36
C THR A 278 9.58 6.04 1.55
N TRP A 279 8.75 5.22 2.20
CA TRP A 279 7.71 4.46 1.42
C TRP A 279 6.38 5.15 1.73
N ILE A 280 5.66 5.60 0.69
CA ILE A 280 4.38 6.34 0.88
C ILE A 280 3.27 5.72 0.01
N ASP A 281 2.25 5.17 0.64
CA ASP A 281 1.11 4.53 -0.02
C ASP A 281 0.30 5.56 -0.81
N VAL A 282 -0.44 5.08 -1.79
CA VAL A 282 -1.01 6.03 -2.75
C VAL A 282 -2.07 6.94 -2.12
N ASP A 283 -2.82 6.52 -1.10
CA ASP A 283 -3.90 7.38 -0.61
C ASP A 283 -3.42 8.41 0.49
N VAL A 284 -2.15 8.33 0.90
CA VAL A 284 -1.58 9.15 1.98
C VAL A 284 -1.54 10.61 1.50
N THR A 285 -1.87 11.57 2.38
CA THR A 285 -1.75 13.01 2.04
C THR A 285 -0.81 13.59 3.07
N ILE A 286 -0.10 14.64 2.67
CA ILE A 286 0.91 15.19 3.50
C ILE A 286 0.92 16.72 3.25
N GLY A 287 0.99 17.47 4.33
CA GLY A 287 0.84 18.96 4.28
C GLY A 287 2.16 19.64 3.92
N ARG A 288 2.03 20.88 3.49
CA ARG A 288 3.15 21.71 3.08
C ARG A 288 4.22 21.93 4.13
N ASP A 289 5.48 21.83 3.73
CA ASP A 289 6.63 22.12 4.62
C ASP A 289 6.82 21.06 5.71
N THR A 290 6.11 19.94 5.58
CA THR A 290 6.52 18.77 6.38
C THR A 290 7.86 18.20 5.89
N VAL A 291 8.60 17.68 6.87
CA VAL A 291 9.91 17.06 6.59
C VAL A 291 9.83 15.63 7.03
N ILE A 292 10.15 14.73 6.08
CA ILE A 292 10.10 13.33 6.35
C ILE A 292 11.55 12.79 6.35
N HIS A 293 12.00 12.22 7.46
CA HIS A 293 13.38 11.74 7.63
C HIS A 293 13.50 10.29 7.26
N PRO A 294 14.75 9.82 7.03
CA PRO A 294 14.92 8.52 6.37
C PRO A 294 14.35 7.33 7.11
N GLY A 295 14.04 6.25 6.37
CA GLY A 295 13.61 4.94 6.98
C GLY A 295 12.15 4.95 7.39
N THR A 296 11.36 5.76 6.71
CA THR A 296 9.95 6.00 7.14
C THR A 296 8.94 5.34 6.16
N GLN A 297 7.93 4.67 6.70
CA GLN A 297 6.81 4.19 5.86
C GLN A 297 5.50 4.87 6.31
N LEU A 298 4.77 5.46 5.35
CA LEU A 298 3.46 6.08 5.63
C LEU A 298 2.49 5.26 4.80
N LEU A 299 1.59 4.56 5.46
CA LEU A 299 0.83 3.43 4.90
C LEU A 299 -0.70 3.67 5.04
N GLY A 300 -1.49 3.05 4.16
CA GLY A 300 -2.97 2.99 4.34
C GLY A 300 -3.51 4.39 4.14
N ARG A 301 -4.35 4.86 5.05
CA ARG A 301 -4.99 6.18 4.83
C ARG A 301 -4.31 7.24 5.73
N THR A 302 -3.01 7.07 5.96
CA THR A 302 -2.28 8.04 6.81
C THR A 302 -2.44 9.44 6.23
N GLN A 303 -2.68 10.43 7.11
CA GLN A 303 -2.78 11.85 6.73
C GLN A 303 -1.88 12.65 7.63
N ILE A 304 -0.97 13.44 7.08
CA ILE A 304 -0.02 14.26 7.87
C ILE A 304 -0.34 15.70 7.50
N GLY A 305 -0.40 16.62 8.48
CA GLY A 305 -0.70 18.04 8.19
C GLY A 305 0.57 18.74 7.80
N GLY A 306 0.53 20.05 7.81
CA GLY A 306 1.73 20.81 7.50
C GLY A 306 2.71 21.08 8.64
N ARG A 307 3.94 21.35 8.22
CA ARG A 307 5.10 21.71 9.14
C ARG A 307 5.30 20.60 10.22
N CYS A 308 4.97 19.36 9.91
CA CYS A 308 5.27 18.24 10.80
C CYS A 308 6.75 17.82 10.60
N VAL A 309 7.27 17.05 11.55
CA VAL A 309 8.54 16.36 11.34
C VAL A 309 8.22 14.90 11.57
N VAL A 310 8.57 14.07 10.59
CA VAL A 310 8.25 12.69 10.71
C VAL A 310 9.50 11.82 10.42
N GLY A 311 9.71 10.80 11.25
CA GLY A 311 10.94 9.96 11.14
C GLY A 311 12.09 10.55 11.95
N PRO A 312 13.27 9.94 11.94
CA PRO A 312 13.52 8.76 11.07
C PRO A 312 12.85 7.49 11.60
N ASP A 313 12.84 6.42 10.83
CA ASP A 313 12.44 5.10 11.33
C ASP A 313 11.07 5.06 11.96
N THR A 314 10.13 5.74 11.33
CA THR A 314 8.76 5.74 11.78
C THR A 314 7.88 4.90 10.80
N THR A 315 6.97 4.06 11.31
CA THR A 315 5.98 3.39 10.43
C THR A 315 4.57 3.80 10.92
N LEU A 316 3.77 4.43 10.06
CA LEU A 316 2.42 4.77 10.48
C LEU A 316 1.45 4.16 9.46
N THR A 317 0.45 3.44 9.94
CA THR A 317 -0.61 2.86 9.09
C THR A 317 -1.96 3.43 9.56
N ASP A 318 -2.67 4.13 8.69
CA ASP A 318 -3.95 4.77 9.06
C ASP A 318 -3.81 5.74 10.29
N VAL A 319 -2.79 6.61 10.27
CA VAL A 319 -2.62 7.53 11.36
C VAL A 319 -2.88 8.98 10.84
N ALA A 320 -3.68 9.73 11.62
CA ALA A 320 -3.94 11.15 11.33
C ALA A 320 -3.03 11.99 12.21
N VAL A 321 -2.28 12.91 11.64
CA VAL A 321 -1.34 13.73 12.40
C VAL A 321 -1.65 15.18 12.04
N GLY A 322 -1.91 16.03 13.04
CA GLY A 322 -2.22 17.48 12.80
C GLY A 322 -1.02 18.29 12.30
N ASP A 323 -1.12 19.59 12.33
CA ASP A 323 -0.09 20.47 11.84
C ASP A 323 0.96 20.67 12.92
N GLY A 324 2.21 20.77 12.54
CA GLY A 324 3.29 21.21 13.48
C GLY A 324 3.57 20.10 14.53
N ALA A 325 3.04 18.87 14.33
CA ALA A 325 3.44 17.74 15.20
C ALA A 325 4.81 17.13 14.81
N SER A 326 5.42 16.44 15.79
CA SER A 326 6.65 15.65 15.64
C SER A 326 6.31 14.16 15.91
N VAL A 327 6.68 13.22 15.03
CA VAL A 327 6.41 11.78 15.22
C VAL A 327 7.68 11.05 14.77
N VAL A 328 8.51 10.74 15.74
CA VAL A 328 9.89 10.43 15.46
C VAL A 328 10.06 8.96 15.98
N ARG A 329 10.70 8.08 15.22
CA ARG A 329 10.91 6.66 15.61
C ARG A 329 9.70 6.07 16.29
N THR A 330 8.59 6.13 15.57
CA THR A 330 7.31 5.75 16.13
C THR A 330 6.77 4.61 15.24
N HIS A 331 6.16 3.62 15.87
CA HIS A 331 5.48 2.56 15.17
C HIS A 331 4.01 2.71 15.57
N GLY A 332 3.13 3.02 14.65
CA GLY A 332 1.75 3.36 15.10
C GLY A 332 0.69 3.02 14.05
N SER A 333 -0.51 2.60 14.49
CA SER A 333 -1.57 2.41 13.54
C SER A 333 -2.89 2.88 14.14
N SER A 334 -3.80 3.15 13.23
CA SER A 334 -5.21 3.57 13.52
C SER A 334 -5.34 4.48 14.75
N SER A 335 -4.66 5.65 14.70
CA SER A 335 -4.56 6.51 15.86
C SER A 335 -4.60 7.94 15.36
N SER A 336 -4.91 8.88 16.22
CA SER A 336 -4.82 10.29 15.81
C SER A 336 -3.83 11.03 16.73
N ILE A 337 -3.11 11.98 16.16
CA ILE A 337 -2.10 12.78 16.88
C ILE A 337 -2.38 14.29 16.59
N GLY A 338 -2.70 15.06 17.64
CA GLY A 338 -3.12 16.46 17.48
C GLY A 338 -2.04 17.46 17.04
N ASP A 339 -2.50 18.67 16.71
CA ASP A 339 -1.62 19.71 16.25
C ASP A 339 -0.59 19.94 17.33
N GLY A 340 0.68 20.11 16.95
CA GLY A 340 1.71 20.51 17.88
C GLY A 340 2.16 19.36 18.81
N ALA A 341 1.63 18.17 18.65
CA ALA A 341 1.88 17.14 19.65
C ALA A 341 3.32 16.61 19.41
N ALA A 342 3.93 15.95 20.40
CA ALA A 342 5.30 15.34 20.18
C ALA A 342 5.25 13.83 20.54
N VAL A 343 5.67 12.95 19.61
CA VAL A 343 5.61 11.47 19.84
C VAL A 343 7.01 10.92 19.50
N GLY A 344 7.56 10.04 20.33
CA GLY A 344 8.84 9.37 19.99
C GLY A 344 9.94 10.08 20.78
N PRO A 345 11.22 9.61 20.66
CA PRO A 345 11.57 8.46 19.90
C PRO A 345 11.20 7.19 20.66
N PHE A 346 10.94 6.12 19.90
CA PHE A 346 10.68 4.78 20.48
C PHE A 346 9.32 4.70 21.18
N THR A 347 8.27 4.84 20.37
CA THR A 347 6.90 5.01 20.84
C THR A 347 6.05 4.09 19.99
N TYR A 348 5.19 3.35 20.65
CA TYR A 348 4.30 2.39 19.99
C TYR A 348 2.84 2.82 20.21
N LEU A 349 2.11 3.09 19.10
CA LEU A 349 0.66 3.44 19.17
C LEU A 349 -0.16 2.32 18.58
N ARG A 350 -1.02 1.74 19.38
CA ARG A 350 -1.90 0.68 18.93
C ARG A 350 -3.26 1.29 18.65
N PRO A 351 -4.12 0.54 17.93
CA PRO A 351 -5.36 1.13 17.45
C PRO A 351 -6.20 1.78 18.54
N GLY A 352 -6.92 2.85 18.18
CA GLY A 352 -7.80 3.57 19.10
C GLY A 352 -7.06 4.60 19.95
N THR A 353 -5.81 4.90 19.61
CA THR A 353 -5.10 5.95 20.38
C THR A 353 -5.46 7.37 19.88
N ALA A 354 -5.88 8.27 20.78
CA ALA A 354 -6.11 9.67 20.37
C ALA A 354 -5.36 10.61 21.27
N LEU A 355 -4.34 11.28 20.73
CA LEU A 355 -3.49 12.16 21.56
C LEU A 355 -3.86 13.63 21.21
N GLY A 356 -4.30 14.42 22.19
CA GLY A 356 -4.67 15.83 21.91
C GLY A 356 -3.54 16.72 21.45
N ALA A 357 -3.92 17.92 20.96
CA ALA A 357 -2.97 18.96 20.59
C ALA A 357 -1.99 19.23 21.71
N ASP A 358 -0.74 19.49 21.36
CA ASP A 358 0.32 19.75 22.28
C ASP A 358 0.49 18.65 23.30
N GLY A 359 -0.04 17.45 23.05
CA GLY A 359 0.23 16.28 23.93
C GLY A 359 1.64 15.75 23.72
N LYS A 360 2.10 14.91 24.64
CA LYS A 360 3.41 14.28 24.40
C LYS A 360 3.34 12.85 24.77
N LEU A 361 3.78 11.97 23.86
CA LEU A 361 4.07 10.56 24.24
C LEU A 361 5.55 10.26 23.99
N GLY A 362 6.33 9.98 25.04
CA GLY A 362 7.78 9.92 24.97
C GLY A 362 8.34 8.53 24.70
N ALA A 363 9.61 8.41 25.03
CA ALA A 363 10.36 7.23 24.76
C ALA A 363 9.97 6.10 25.62
N PHE A 364 9.84 4.96 24.99
CA PHE A 364 9.45 3.72 25.65
C PHE A 364 8.03 3.79 26.26
N VAL A 365 7.08 4.39 25.51
CA VAL A 365 5.68 4.51 25.88
C VAL A 365 4.87 3.78 24.84
N GLU A 366 3.94 2.97 25.30
CA GLU A 366 3.04 2.30 24.40
C GLU A 366 1.65 2.79 24.86
N VAL A 367 0.81 3.12 23.90
CA VAL A 367 -0.63 3.46 24.18
C VAL A 367 -1.54 2.61 23.31
N LYS A 368 -2.63 2.13 23.92
CA LYS A 368 -3.59 1.29 23.21
C LYS A 368 -4.99 1.77 23.62
N ASN A 369 -5.86 2.07 22.62
CA ASN A 369 -7.30 2.33 22.91
C ASN A 369 -7.52 3.36 24.05
N SER A 370 -6.85 4.51 23.98
CA SER A 370 -6.92 5.49 25.04
C SER A 370 -7.01 6.85 24.43
N THR A 371 -7.74 7.70 25.18
CA THR A 371 -7.83 9.12 24.85
C THR A 371 -6.99 9.97 25.81
N ILE A 372 -6.17 10.85 25.25
CA ILE A 372 -5.23 11.67 25.99
C ILE A 372 -5.42 13.13 25.62
N GLY A 373 -5.76 13.95 26.63
CA GLY A 373 -6.33 15.29 26.31
C GLY A 373 -5.26 16.28 25.96
N THR A 374 -5.70 17.43 25.43
CA THR A 374 -4.82 18.53 25.09
C THR A 374 -3.75 18.72 26.12
N GLY A 375 -2.49 18.88 25.67
CA GLY A 375 -1.39 19.30 26.57
C GLY A 375 -0.98 18.23 27.62
N THR A 376 -1.56 17.04 27.62
CA THR A 376 -1.12 15.99 28.58
C THR A 376 0.16 15.26 28.12
N LYS A 377 1.10 15.03 29.08
CA LYS A 377 2.36 14.38 28.77
C LYS A 377 2.49 13.02 29.48
N VAL A 378 2.93 12.04 28.68
CA VAL A 378 3.27 10.69 29.16
C VAL A 378 4.65 10.49 28.62
N PRO A 379 5.66 10.99 29.33
CA PRO A 379 6.96 11.03 28.67
C PRO A 379 7.87 9.79 28.77
N HIS A 380 7.68 8.88 29.72
CA HIS A 380 8.71 7.81 29.86
C HIS A 380 8.21 6.47 30.31
N LEU A 381 8.65 5.43 29.60
CA LEU A 381 8.60 4.03 30.07
C LEU A 381 7.23 3.68 30.65
N THR A 382 6.18 3.99 29.92
CA THR A 382 4.87 3.73 30.47
C THR A 382 3.92 3.04 29.49
N TYR A 383 3.06 2.23 30.02
CA TYR A 383 1.97 1.65 29.21
C TYR A 383 0.60 2.26 29.59
N VAL A 384 -0.10 2.82 28.60
CA VAL A 384 -1.41 3.38 28.78
C VAL A 384 -2.39 2.56 27.94
N GLY A 385 -3.22 1.75 28.61
CA GLY A 385 -4.24 0.94 27.92
C GLY A 385 -5.65 1.18 28.46
N ASP A 386 -6.61 1.33 27.53
CA ASP A 386 -8.03 1.44 27.78
C ASP A 386 -8.34 2.57 28.76
N ALA A 387 -7.77 3.77 28.55
CA ALA A 387 -7.88 4.82 29.55
C ALA A 387 -8.22 6.13 28.90
N ASP A 388 -8.88 6.97 29.66
CA ASP A 388 -9.15 8.31 29.22
C ASP A 388 -8.48 9.26 30.17
N ILE A 389 -7.66 10.15 29.62
CA ILE A 389 -6.93 11.06 30.45
C ILE A 389 -7.27 12.51 29.97
N GLY A 390 -7.50 13.45 30.90
CA GLY A 390 -7.90 14.82 30.59
C GLY A 390 -6.73 15.66 30.13
N GLU A 391 -6.84 16.95 30.36
CA GLU A 391 -6.00 17.96 29.72
C GLU A 391 -4.96 18.36 30.68
N TYR A 392 -3.79 18.75 30.22
CA TYR A 392 -2.66 19.34 31.01
C TYR A 392 -2.27 18.49 32.21
N SER A 393 -2.45 17.19 32.08
CA SER A 393 -1.99 16.27 33.08
C SER A 393 -0.57 15.79 32.80
N ASN A 394 0.05 15.18 33.82
CA ASN A 394 1.45 14.66 33.64
C ASN A 394 1.55 13.27 34.24
N ILE A 395 1.86 12.24 33.41
CA ILE A 395 1.94 10.89 33.93
C ILE A 395 3.42 10.57 34.19
N GLY A 396 3.78 10.23 35.44
CA GLY A 396 5.20 9.98 35.84
C GLY A 396 5.74 8.78 35.15
N ALA A 397 7.07 8.74 35.09
CA ALA A 397 7.82 7.71 34.39
C ALA A 397 7.53 6.32 34.96
N SER A 398 7.64 5.29 34.10
CA SER A 398 7.63 3.87 34.57
C SER A 398 6.28 3.48 35.25
N SER A 399 5.20 3.95 34.65
CA SER A 399 3.84 3.71 35.18
C SER A 399 3.06 2.71 34.26
N VAL A 400 2.00 2.10 34.79
CA VAL A 400 1.18 1.13 34.06
C VAL A 400 -0.30 1.39 34.33
N PHE A 401 -1.07 1.65 33.28
CA PHE A 401 -2.56 1.53 33.39
C PHE A 401 -2.93 0.06 33.22
N VAL A 402 -3.21 -0.66 34.32
CA VAL A 402 -3.53 -2.10 34.30
C VAL A 402 -5.02 -2.36 34.01
N ASN A 403 -5.33 -2.91 32.85
CA ASN A 403 -6.64 -2.79 32.15
C ASN A 403 -7.50 -4.03 32.07
N ARG A 411 -11.75 0.15 31.91
CA ARG A 411 -11.50 1.63 31.79
C ARG A 411 -10.95 2.27 33.12
N THR A 412 -10.34 3.44 33.01
CA THR A 412 -9.74 4.19 34.09
C THR A 412 -9.88 5.57 33.53
N THR A 413 -10.23 6.52 34.39
CA THR A 413 -10.37 7.86 33.99
C THR A 413 -9.45 8.70 34.87
N VAL A 414 -8.71 9.59 34.24
CA VAL A 414 -7.84 10.47 34.97
C VAL A 414 -8.25 11.84 34.49
N GLY A 415 -8.44 12.77 35.44
CA GLY A 415 -8.87 14.15 35.10
C GLY A 415 -7.78 15.05 34.55
N SER A 416 -8.07 16.34 34.50
CA SER A 416 -7.15 17.37 34.06
C SER A 416 -6.28 17.91 35.18
N HIS A 417 -5.10 18.39 34.80
CA HIS A 417 -4.13 19.03 35.69
C HIS A 417 -3.68 18.05 36.76
N VAL A 418 -3.89 16.76 36.52
CA VAL A 418 -3.28 15.79 37.42
C VAL A 418 -1.75 15.58 37.28
N ARG A 419 -1.07 15.31 38.40
CA ARG A 419 0.39 15.00 38.33
C ARG A 419 0.55 13.65 39.04
N THR A 420 0.79 12.59 38.29
CA THR A 420 0.94 11.27 38.96
C THR A 420 2.42 10.92 39.11
N GLY A 421 2.78 10.17 40.15
CA GLY A 421 4.20 10.08 40.49
C GLY A 421 4.77 8.91 39.73
N SER A 422 6.08 8.87 39.57
CA SER A 422 6.75 7.76 38.85
C SER A 422 6.37 6.46 39.51
N ASP A 423 6.34 5.40 38.72
CA ASP A 423 6.14 4.06 39.23
C ASP A 423 4.73 3.93 39.89
N THR A 424 3.72 4.58 39.30
CA THR A 424 2.32 4.37 39.75
C THR A 424 1.67 3.30 38.89
N MET A 425 1.02 2.31 39.52
CA MET A 425 0.16 1.34 38.86
C MET A 425 -1.33 1.78 39.07
N PHE A 426 -2.11 1.86 38.00
CA PHE A 426 -3.51 2.32 38.07
C PHE A 426 -4.27 1.02 37.78
N VAL A 427 -4.82 0.39 38.82
CA VAL A 427 -5.56 -0.89 38.66
C VAL A 427 -7.02 -0.61 38.27
N ALA A 428 -7.32 -0.75 36.97
CA ALA A 428 -8.69 -0.45 36.45
C ALA A 428 -9.77 -1.28 37.17
N PRO A 429 -10.99 -0.72 37.27
CA PRO A 429 -11.28 0.68 36.89
C PRO A 429 -11.12 1.63 38.10
N VAL A 430 -10.56 2.81 37.89
CA VAL A 430 -10.38 3.79 38.95
C VAL A 430 -10.54 5.12 38.27
N THR A 431 -10.99 6.10 39.05
CA THR A 431 -11.09 7.45 38.62
C THR A 431 -10.18 8.31 39.45
N ILE A 432 -9.41 9.22 38.82
CA ILE A 432 -8.56 10.17 39.53
C ILE A 432 -9.10 11.51 39.15
N GLY A 433 -9.62 12.25 40.16
CA GLY A 433 -10.06 13.62 39.95
C GLY A 433 -9.09 14.66 39.49
N ASP A 434 -9.65 15.73 38.95
CA ASP A 434 -8.92 16.85 38.50
C ASP A 434 -7.99 17.35 39.58
N GLY A 435 -6.75 17.67 39.17
CA GLY A 435 -5.74 18.28 40.07
C GLY A 435 -5.18 17.34 41.13
N ALA A 436 -5.65 16.08 41.20
CA ALA A 436 -5.03 15.03 42.10
C ALA A 436 -3.53 14.72 41.77
N TYR A 437 -2.81 14.18 42.77
CA TYR A 437 -1.38 13.75 42.65
C TYR A 437 -1.32 12.30 43.12
N THR A 438 -0.32 11.50 42.68
CA THR A 438 -0.06 10.27 43.39
C THR A 438 1.43 10.35 43.78
N GLY A 439 1.88 9.67 44.81
CA GLY A 439 3.31 9.77 45.23
C GLY A 439 4.05 8.76 44.32
N ALA A 440 5.38 8.84 44.24
CA ALA A 440 6.14 7.81 43.53
C ALA A 440 5.90 6.41 44.18
N GLY A 441 5.85 5.38 43.37
CA GLY A 441 5.68 4.04 43.87
C GLY A 441 4.28 3.75 44.41
N THR A 442 3.24 4.40 43.90
CA THR A 442 1.87 4.13 44.42
C THR A 442 1.11 3.08 43.61
N VAL A 443 0.47 2.14 44.29
CA VAL A 443 -0.45 1.28 43.61
C VAL A 443 -1.87 1.77 43.83
N VAL A 444 -2.48 2.28 42.78
CA VAL A 444 -3.81 2.88 42.91
C VAL A 444 -4.93 1.90 42.57
N ARG A 445 -5.76 1.60 43.57
CA ARG A 445 -6.74 0.55 43.48
C ARG A 445 -8.17 1.10 43.73
N GLU A 446 -8.27 2.33 44.24
CA GLU A 446 -9.54 3.04 44.47
C GLU A 446 -9.48 4.47 44.02
N ASP A 447 -10.65 5.06 43.78
CA ASP A 447 -10.79 6.44 43.37
C ASP A 447 -10.02 7.43 44.20
N VAL A 448 -9.53 8.47 43.56
CA VAL A 448 -8.78 9.51 44.20
C VAL A 448 -9.57 10.82 43.95
N PRO A 449 -10.01 11.50 45.04
CA PRO A 449 -10.69 12.79 44.86
C PRO A 449 -9.87 13.85 44.16
N PRO A 450 -10.57 14.81 43.50
CA PRO A 450 -9.96 15.99 43.00
C PRO A 450 -9.05 16.61 44.11
N GLY A 451 -7.86 17.03 43.72
CA GLY A 451 -6.90 17.70 44.64
C GLY A 451 -6.39 16.88 45.81
N ALA A 452 -6.74 15.59 45.87
CA ALA A 452 -6.15 14.70 46.86
C ALA A 452 -4.78 14.15 46.39
N LEU A 453 -3.97 13.75 47.35
CA LEU A 453 -2.76 12.98 47.08
C LEU A 453 -2.95 11.50 47.53
N ALA A 454 -2.79 10.55 46.61
CA ALA A 454 -2.86 9.13 46.91
C ALA A 454 -1.44 8.55 47.02
N VAL A 455 -1.21 7.76 48.07
CA VAL A 455 0.11 7.17 48.30
C VAL A 455 -0.06 5.73 48.81
N SER A 456 1.01 4.96 48.74
CA SER A 456 1.04 3.62 49.33
C SER A 456 2.38 3.08 49.62
N ALA A 457 3.45 3.74 49.19
CA ALA A 457 4.81 3.19 49.45
C ALA A 457 5.16 3.39 50.93
N GLY A 458 5.93 2.48 51.48
CA GLY A 458 6.31 2.57 52.86
C GLY A 458 7.47 3.51 52.98
N PRO A 459 7.81 3.84 54.24
CA PRO A 459 8.86 4.81 54.45
C PRO A 459 10.27 4.20 54.19
N GLN A 460 11.20 5.06 53.80
CA GLN A 460 12.59 4.60 53.64
C GLN A 460 13.24 4.32 55.00
N ARG A 461 14.00 3.23 55.04
CA ARG A 461 14.85 2.94 56.16
C ARG A 461 16.26 2.69 55.65
N ASN A 462 17.26 3.35 56.27
CA ASN A 462 18.67 3.07 56.00
C ASN A 462 19.25 2.07 57.00
N ILE A 463 19.90 1.03 56.50
CA ILE A 463 20.55 0.01 57.35
C ILE A 463 22.02 0.35 57.29
N GLU A 464 22.56 1.01 58.30
CA GLU A 464 23.99 1.38 58.27
C GLU A 464 25.02 0.23 58.23
N ASN A 465 26.12 0.43 57.48
CA ASN A 465 27.18 -0.55 57.30
C ASN A 465 26.75 -1.93 56.82
N TRP A 466 25.56 -2.03 56.20
CA TRP A 466 25.07 -3.34 55.68
C TRP A 466 26.10 -3.99 54.77
N VAL A 467 26.70 -3.12 53.93
CA VAL A 467 27.56 -3.56 52.86
C VAL A 467 28.87 -4.20 53.41
N GLN A 468 29.50 -3.55 54.41
CA GLN A 468 30.69 -4.13 55.02
C GLN A 468 30.32 -5.50 55.61
N ARG A 469 29.08 -5.66 56.11
CA ARG A 469 28.68 -6.93 56.77
C ARG A 469 28.36 -8.06 55.80
N LYS A 470 27.62 -7.71 54.75
CA LYS A 470 27.02 -8.69 53.85
C LYS A 470 27.74 -8.86 52.52
N ARG A 471 28.62 -7.89 52.16
CA ARG A 471 29.42 -7.99 50.91
C ARG A 471 30.91 -7.72 51.25
N PRO A 472 31.45 -8.40 52.31
CA PRO A 472 32.81 -8.04 52.84
C PRO A 472 33.92 -8.24 51.75
N GLY A 473 34.91 -7.37 51.74
CA GLY A 473 35.91 -7.34 50.66
C GLY A 473 35.43 -7.03 49.22
N SER A 474 34.13 -6.73 49.00
CA SER A 474 33.61 -6.27 47.69
C SER A 474 34.14 -4.85 47.33
N PRO A 475 34.22 -4.53 45.99
CA PRO A 475 34.47 -3.12 45.59
C PRO A 475 33.58 -2.11 46.33
N ALA A 476 32.30 -2.40 46.52
CA ALA A 476 31.40 -1.52 47.32
C ALA A 476 31.85 -1.35 48.81
N ALA A 477 32.17 -2.48 49.49
CA ALA A 477 32.76 -2.47 50.87
C ALA A 477 34.03 -1.61 50.97
N GLN A 478 35.01 -1.83 50.08
CA GLN A 478 36.24 -0.99 50.09
C GLN A 478 35.96 0.51 49.87
N ALA A 479 35.06 0.82 48.91
CA ALA A 479 34.64 2.20 48.59
C ALA A 479 34.00 2.91 49.80
N SER A 480 33.09 2.24 50.52
CA SER A 480 32.56 2.80 51.77
C SER A 480 33.65 2.87 52.85
C1' UD1 B . 2.27 -11.54 -21.66
C2' UD1 B . 2.31 -11.55 -23.19
C3' UD1 B . 3.56 -10.85 -23.70
C4' UD1 B . 3.74 -9.49 -23.03
C5' UD1 B . 3.61 -9.61 -21.51
C6' UD1 B . 3.73 -8.25 -20.85
C7' UD1 B . 1.13 -13.46 -24.12
C8' UD1 B . 1.28 -14.79 -24.79
N2' UD1 B . 2.27 -12.91 -23.68
O1' UD1 B . 3.37 -12.31 -21.15
O3' UD1 B . 3.45 -10.67 -25.11
O4' UD1 B . 5.03 -8.96 -23.36
O5' UD1 B . 2.37 -10.21 -21.19
O6' UD1 B . 3.39 -8.37 -19.46
O7' UD1 B . 0.06 -12.91 -23.99
N1 UD1 B . -4.10 -15.05 -17.96
C2 UD1 B . -5.36 -15.69 -18.02
N3 UD1 B . -5.46 -16.93 -18.50
C4 UD1 B . -4.37 -17.59 -18.94
C5 UD1 B . -3.13 -16.98 -18.89
C6 UD1 B . -3.01 -15.69 -18.39
O2 UD1 B . -6.38 -15.09 -17.62
O4 UD1 B . -4.49 -18.75 -19.38
C1B UD1 B . -3.99 -13.69 -17.44
C2B UD1 B . -3.09 -13.68 -16.22
O2' UD1 B . -3.80 -13.16 -15.09
C3B UD1 B . -1.92 -12.76 -16.55
C4B UD1 B . -2.20 -12.25 -17.96
O4B UD1 B . -3.40 -12.83 -18.42
O3B UD1 B . -1.91 -11.66 -15.64
C5B UD1 B . -1.05 -12.64 -18.91
O5B UD1 B . -0.46 -13.85 -18.46
PA UD1 B . 1.13 -13.95 -18.21
O1A UD1 B . 1.49 -15.40 -18.07
O2A UD1 B . 1.49 -12.97 -17.12
O3A UD1 B . 1.73 -13.41 -19.60
PB UD1 B . 3.29 -13.00 -19.70
O1B UD1 B . 3.57 -11.95 -18.66
O2B UD1 B . 4.11 -14.27 -19.73
C1 GN1 C . -3.20 -6.59 28.34
OP1 GN1 C . -3.49 -6.32 24.76
P GN1 C . -3.45 -5.37 25.94
OP2 GN1 C . -4.91 -5.09 26.41
OP3 GN1 C . -2.50 -4.22 25.71
C2 GN1 C . -2.20 -6.93 29.47
C3 GN1 C . -1.20 -8.02 29.05
C4 GN1 C . -1.95 -9.25 28.52
C5 GN1 C . -3.15 -8.95 27.61
C6 GN1 C . -4.06 -10.15 27.41
C8 GN1 C . -0.94 -3.93 31.51
O1 GN1 C . -2.58 -6.01 27.16
O3 GN1 C . -0.40 -8.44 30.17
O4 GN1 C . -1.04 -10.08 27.79
O5 GN1 C . -3.94 -7.80 28.04
N2 GN1 C . -1.60 -5.65 29.91
C7 GN1 C . -1.53 -5.28 31.23
O6 GN1 C . -4.71 -9.92 26.15
O7 GN1 C . -1.93 -5.99 32.16
P1 POP D . 0.24 -16.35 -15.13
P1 POP D . 2.61 -17.89 -14.77
O1 POP D . 0.85 -15.03 -15.53
O1 POP D . 3.77 -17.32 -13.98
O2 POP D . -1.05 -16.11 -14.40
O2 POP D . 1.37 -17.09 -14.50
O3 POP D . 0.00 -17.18 -16.36
O3 POP D . 2.94 -17.84 -16.25
O POP D . 1.28 -17.11 -14.16
O POP D . 2.40 -19.42 -14.32
P2 POP D . 2.59 -17.83 -14.77
P2 POP D . 3.12 -20.62 -15.12
O4 POP D . 2.47 -19.31 -14.55
O4 POP D . 2.42 -21.91 -14.76
O5 POP D . 3.82 -17.31 -14.06
O5 POP D . 4.57 -20.71 -14.71
O6 POP D . 2.69 -17.54 -16.25
O6 POP D . 3.03 -20.38 -16.61
MG MG E . 8.85 -0.09 38.99
MG MG F . 4.66 -19.10 -17.59
MG MG F . 1.35 -17.41 -18.07
CO CO G . 2.62 -11.22 -17.08
CO CO H . 7.44 -0.35 41.95
#